data_1O9H
#
_entry.id   1O9H
#
_cell.length_a   37.098
_cell.length_b   48.937
_cell.length_c   63.714
_cell.angle_alpha   90.00
_cell.angle_beta   99.05
_cell.angle_gamma   90.00
#
_symmetry.space_group_name_H-M   'P 1 21 1'
#
loop_
_entity.id
_entity.type
_entity.pdbx_description
1 polymer 'RRNA METHYLTRANSFERASE'
2 water water
#
_entity_poly.entity_id   1
_entity_poly.type   'polypeptide(L)'
_entity_poly.pdbx_seq_one_letter_code
;MSAYRHAVERIDSSDLACGVVLHSAPGYPAFPVRLATEIFQRALARLPGDGPVTLWDPCCGSGYLLTVLGLLHRRSLRQV
IASDVDPAPLELAAKNLALLSPAGLTARELERREQSERFGKPSYLEAAQAARRLRERLTAEGGALPCAIRTADVFDPRAL
SAVLAGSAPDVVLTDLPYGERTHWEGQVPAQPVAGLLRSLASALPAHAVIAVTDRSRKIPVAPVKALERLKIGTRSAVLV
RAADVLEAGP
;
_entity_poly.pdbx_strand_id   A
#
# COMPACT_ATOMS: atom_id res chain seq x y z
N SER A 2 11.72 15.30 -10.55
CA SER A 2 11.95 14.26 -9.50
C SER A 2 12.96 13.22 -9.94
N ALA A 3 13.38 12.39 -9.00
CA ALA A 3 14.31 11.31 -9.28
C ALA A 3 14.13 10.17 -8.27
N TYR A 4 14.71 9.02 -8.57
CA TYR A 4 14.68 7.88 -7.68
C TYR A 4 15.86 7.97 -6.71
N ARG A 5 15.57 8.20 -5.43
CA ARG A 5 16.58 8.29 -4.38
C ARG A 5 16.91 6.93 -3.77
N HIS A 6 15.92 6.04 -3.78
CA HIS A 6 16.01 4.76 -3.09
C HIS A 6 15.86 3.62 -4.09
N ALA A 7 14.85 3.70 -4.93
CA ALA A 7 14.68 2.78 -6.04
C ALA A 7 15.63 3.14 -7.17
N VAL A 8 16.91 3.33 -6.84
CA VAL A 8 17.90 3.92 -7.75
C VAL A 8 18.28 2.98 -8.91
N GLU A 9 18.27 1.68 -8.64
CA GLU A 9 18.58 0.69 -9.66
C GLU A 9 17.45 -0.34 -9.71
N ARG A 10 16.49 -0.07 -10.59
CA ARG A 10 15.34 -0.97 -10.84
C ARG A 10 15.71 -2.45 -10.71
N ILE A 11 15.03 -3.17 -9.81
CA ILE A 11 15.33 -4.58 -9.54
C ILE A 11 14.23 -5.53 -10.00
N ASP A 12 14.51 -6.84 -9.88
CA ASP A 12 13.58 -7.89 -10.25
C ASP A 12 12.21 -7.77 -9.55
N SER A 13 11.24 -7.24 -10.30
CA SER A 13 9.86 -7.09 -9.84
C SER A 13 8.89 -7.83 -10.77
N SER A 14 9.41 -8.78 -11.54
CA SER A 14 8.59 -9.57 -12.45
C SER A 14 7.74 -10.57 -11.67
N ASP A 15 8.24 -10.99 -10.51
CA ASP A 15 7.51 -11.89 -9.62
C ASP A 15 6.35 -11.18 -8.96
N LEU A 16 6.47 -9.87 -8.81
CA LEU A 16 5.46 -9.06 -8.19
C LEU A 16 4.51 -8.46 -9.20
N ALA A 17 4.66 -8.82 -10.46
CA ALA A 17 3.78 -8.27 -11.50
C ALA A 17 2.35 -8.73 -11.25
N CYS A 18 1.41 -7.85 -11.54
CA CYS A 18 0.00 -8.18 -11.38
C CYS A 18 -0.36 -9.38 -12.26
N GLY A 19 -1.13 -10.29 -11.69
CA GLY A 19 -1.58 -11.48 -12.38
C GLY A 19 -0.64 -12.67 -12.39
N VAL A 20 0.58 -12.52 -11.88
CA VAL A 20 1.51 -13.63 -11.90
C VAL A 20 1.31 -14.43 -10.63
N VAL A 21 1.57 -13.80 -9.49
CA VAL A 21 1.30 -14.39 -8.19
C VAL A 21 0.20 -13.56 -7.48
N LEU A 22 0.43 -12.26 -7.41
CA LEU A 22 -0.57 -11.32 -6.91
C LEU A 22 -1.77 -11.25 -7.85
N HIS A 23 -2.95 -11.02 -7.27
CA HIS A 23 -4.19 -11.04 -8.02
C HIS A 23 -4.51 -9.66 -8.62
N SER A 24 -4.96 -9.69 -9.87
CA SER A 24 -5.40 -8.51 -10.58
C SER A 24 -6.91 -8.56 -10.74
N ALA A 25 -7.50 -7.46 -11.18
CA ALA A 25 -8.92 -7.44 -11.55
C ALA A 25 -9.10 -6.27 -12.50
N PRO A 26 -9.91 -6.43 -13.53
CA PRO A 26 -10.05 -5.38 -14.55
C PRO A 26 -10.47 -4.01 -14.02
N GLY A 27 -11.13 -3.95 -12.85
CA GLY A 27 -11.58 -2.70 -12.27
C GLY A 27 -10.56 -1.90 -11.46
N TYR A 28 -9.53 -2.55 -10.93
CA TYR A 28 -8.54 -1.88 -10.08
C TYR A 28 -7.16 -1.87 -10.74
N PRO A 29 -6.54 -0.68 -10.81
CA PRO A 29 -5.24 -0.55 -11.47
C PRO A 29 -4.08 -1.06 -10.60
N ALA A 30 -3.01 -1.47 -11.26
CA ALA A 30 -1.81 -1.92 -10.58
C ALA A 30 -1.00 -0.68 -10.23
N PHE A 31 -0.16 -0.77 -9.21
CA PHE A 31 0.72 0.32 -8.86
C PHE A 31 2.13 -0.07 -9.31
N PRO A 32 2.89 0.88 -9.84
CA PRO A 32 4.27 0.60 -10.20
C PRO A 32 5.10 0.18 -8.99
N VAL A 33 5.73 -0.98 -9.11
CA VAL A 33 6.50 -1.53 -8.02
C VAL A 33 7.55 -0.51 -7.58
N ARG A 34 8.24 0.05 -8.56
CA ARG A 34 9.35 0.96 -8.30
C ARG A 34 8.92 2.22 -7.60
N LEU A 35 7.77 2.73 -7.98
CA LEU A 35 7.24 3.93 -7.32
C LEU A 35 6.81 3.64 -5.87
N ALA A 36 6.35 2.43 -5.60
CA ALA A 36 5.86 2.07 -4.27
C ALA A 36 7.00 1.98 -3.26
N THR A 37 8.04 1.25 -3.64
CA THR A 37 9.20 1.12 -2.80
C THR A 37 9.96 2.45 -2.60
N GLU A 38 9.67 3.45 -3.42
CA GLU A 38 10.32 4.74 -3.39
C GLU A 38 9.58 5.59 -2.37
N ILE A 39 8.26 5.62 -2.46
CA ILE A 39 7.49 6.39 -1.52
C ILE A 39 7.69 5.86 -0.09
N PHE A 40 7.91 4.55 0.04
CA PHE A 40 7.95 3.88 1.34
C PHE A 40 9.27 4.18 2.04
N GLN A 41 10.38 3.94 1.37
CA GLN A 41 11.70 4.25 1.91
C GLN A 41 11.88 5.75 2.26
N ARG A 42 11.32 6.62 1.44
CA ARG A 42 11.30 8.06 1.73
C ARG A 42 10.47 8.36 2.97
N ALA A 43 9.41 7.60 3.17
CA ALA A 43 8.59 7.75 4.36
C ALA A 43 9.40 7.32 5.58
N LEU A 44 10.19 6.23 5.44
CA LEU A 44 10.96 5.69 6.54
C LEU A 44 11.99 6.69 6.98
N ALA A 45 12.52 7.43 6.01
CA ALA A 45 13.62 8.35 6.27
C ALA A 45 13.17 9.62 6.97
N ARG A 46 11.87 9.73 7.23
CA ARG A 46 11.32 10.88 7.95
C ARG A 46 10.89 10.51 9.35
N LEU A 47 11.01 9.25 9.71
CA LEU A 47 10.66 8.83 11.05
C LEU A 47 11.81 9.16 11.99
N PRO A 48 11.49 9.55 13.22
CA PRO A 48 12.50 9.91 14.21
C PRO A 48 13.58 8.84 14.36
N GLY A 49 13.20 7.66 14.85
CA GLY A 49 14.11 6.55 15.02
C GLY A 49 13.82 5.51 13.97
N ASP A 50 14.42 4.34 14.13
CA ASP A 50 14.24 3.28 13.16
C ASP A 50 13.76 1.96 13.79
N GLY A 51 13.54 0.96 12.95
CA GLY A 51 12.99 -0.30 13.38
C GLY A 51 11.75 -0.69 12.62
N PRO A 52 11.21 -1.86 12.93
CA PRO A 52 9.98 -2.37 12.30
C PRO A 52 8.78 -1.43 12.45
N VAL A 53 8.12 -1.17 11.34
CA VAL A 53 7.08 -0.17 11.24
C VAL A 53 5.72 -0.85 11.05
N THR A 54 4.69 -0.25 11.63
CA THR A 54 3.31 -0.65 11.40
C THR A 54 2.78 0.23 10.28
N LEU A 55 2.34 -0.41 9.20
CA LEU A 55 1.95 0.27 7.97
C LEU A 55 0.44 0.11 7.73
N TRP A 56 -0.23 1.19 7.35
CA TRP A 56 -1.65 1.16 7.16
C TRP A 56 -2.02 1.76 5.83
N ASP A 57 -2.91 1.11 5.11
CA ASP A 57 -3.49 1.66 3.89
C ASP A 57 -5.00 1.73 4.12
N PRO A 58 -5.51 2.95 4.32
CA PRO A 58 -6.94 3.17 4.59
C PRO A 58 -7.84 3.29 3.33
N CYS A 59 -7.26 3.23 2.16
CA CYS A 59 -8.02 3.04 0.94
C CYS A 59 -7.32 1.97 0.15
N CYS A 60 -7.32 0.76 0.70
CA CYS A 60 -6.45 -0.32 0.21
C CYS A 60 -6.84 -0.92 -1.13
N GLY A 61 -8.03 -0.59 -1.64
CA GLY A 61 -8.46 -1.13 -2.93
C GLY A 61 -8.33 -2.64 -3.00
N SER A 62 -7.60 -3.11 -4.00
CA SER A 62 -7.42 -4.56 -4.20
C SER A 62 -6.30 -5.19 -3.36
N GLY A 63 -5.68 -4.41 -2.48
CA GLY A 63 -4.56 -4.85 -1.64
C GLY A 63 -3.22 -5.02 -2.35
N TYR A 64 -3.17 -4.74 -3.65
CA TYR A 64 -1.96 -4.97 -4.45
C TYR A 64 -0.78 -4.17 -3.93
N LEU A 65 -0.99 -2.89 -3.69
CA LEU A 65 0.02 -1.98 -3.21
C LEU A 65 0.52 -2.36 -1.82
N LEU A 66 -0.38 -2.67 -0.92
CA LEU A 66 0.04 -3.04 0.42
C LEU A 66 0.77 -4.37 0.37
N THR A 67 0.27 -5.33 -0.44
CA THR A 67 0.84 -6.68 -0.41
C THR A 67 2.25 -6.61 -0.96
N VAL A 68 2.39 -5.87 -2.06
CA VAL A 68 3.67 -5.66 -2.71
C VAL A 68 4.68 -5.14 -1.70
N LEU A 69 4.29 -4.20 -0.86
CA LEU A 69 5.21 -3.66 0.12
C LEU A 69 5.53 -4.64 1.20
N GLY A 70 4.51 -5.41 1.61
CA GLY A 70 4.68 -6.42 2.63
C GLY A 70 5.70 -7.47 2.26
N LEU A 71 5.69 -7.91 1.00
CA LEU A 71 6.64 -8.95 0.54
C LEU A 71 8.02 -8.37 0.31
N LEU A 72 8.09 -7.13 -0.16
CA LEU A 72 9.36 -6.53 -0.60
C LEU A 72 10.14 -6.02 0.56
N HIS A 73 9.44 -5.40 1.50
CA HIS A 73 10.00 -4.80 2.69
C HIS A 73 9.64 -5.54 3.99
N ARG A 74 9.51 -6.86 3.92
CA ARG A 74 9.12 -7.66 5.10
C ARG A 74 9.94 -7.33 6.35
N ARG A 75 11.24 -7.10 6.16
CA ARG A 75 12.16 -6.89 7.29
C ARG A 75 11.91 -5.58 8.03
N SER A 76 11.44 -4.56 7.32
CA SER A 76 11.09 -3.29 7.96
C SER A 76 9.66 -3.25 8.48
N LEU A 77 8.97 -4.38 8.50
CA LEU A 77 7.57 -4.39 8.83
C LEU A 77 7.25 -5.31 10.01
N ARG A 78 6.63 -4.72 11.02
CA ARG A 78 6.10 -5.43 12.16
C ARG A 78 4.71 -5.98 11.79
N GLN A 79 3.89 -5.15 11.17
CA GLN A 79 2.59 -5.61 10.70
C GLN A 79 1.92 -4.61 9.76
N VAL A 80 0.94 -5.07 9.00
CA VAL A 80 0.22 -4.20 8.08
C VAL A 80 -1.32 -4.19 8.30
N ILE A 81 -1.90 -3.00 8.15
CA ILE A 81 -3.34 -2.80 8.28
C ILE A 81 -3.92 -2.40 6.93
N ALA A 82 -4.99 -3.08 6.52
CA ALA A 82 -5.69 -2.72 5.29
C ALA A 82 -7.12 -2.33 5.63
N SER A 83 -7.61 -1.31 4.96
CA SER A 83 -8.99 -0.90 5.14
C SER A 83 -9.50 -0.11 3.95
N ASP A 84 -10.80 -0.18 3.75
CA ASP A 84 -11.48 0.59 2.73
C ASP A 84 -12.96 0.63 3.06
N VAL A 85 -13.70 1.51 2.38
CA VAL A 85 -15.13 1.69 2.60
C VAL A 85 -15.99 0.71 1.83
N ASP A 86 -15.64 0.46 0.57
CA ASP A 86 -16.38 -0.50 -0.22
C ASP A 86 -16.00 -1.89 0.28
N PRO A 87 -16.96 -2.81 0.37
CA PRO A 87 -16.65 -4.22 0.59
C PRO A 87 -16.27 -4.94 -0.71
N ALA A 88 -16.44 -4.26 -1.84
CA ALA A 88 -16.15 -4.82 -3.16
C ALA A 88 -14.67 -5.18 -3.36
N PRO A 89 -13.77 -4.20 -3.24
CA PRO A 89 -12.37 -4.47 -3.52
C PRO A 89 -11.79 -5.40 -2.46
N LEU A 90 -12.30 -5.28 -1.23
CA LEU A 90 -11.78 -6.04 -0.10
C LEU A 90 -11.84 -7.56 -0.26
N GLU A 91 -12.76 -8.05 -1.07
CA GLU A 91 -12.82 -9.49 -1.33
C GLU A 91 -11.56 -9.91 -2.09
N LEU A 92 -11.06 -8.99 -2.91
CA LEU A 92 -9.83 -9.18 -3.67
C LEU A 92 -8.58 -8.95 -2.81
N ALA A 93 -8.60 -7.91 -1.99
CA ALA A 93 -7.49 -7.61 -1.08
C ALA A 93 -7.23 -8.73 -0.10
N ALA A 94 -8.28 -9.48 0.25
CA ALA A 94 -8.17 -10.60 1.17
C ALA A 94 -7.37 -11.73 0.57
N LYS A 95 -7.59 -12.00 -0.71
CA LYS A 95 -6.77 -13.02 -1.36
C LYS A 95 -5.34 -12.55 -1.64
N ASN A 96 -5.11 -11.24 -1.70
CA ASN A 96 -3.73 -10.71 -1.88
C ASN A 96 -2.98 -10.74 -0.57
N LEU A 97 -3.64 -10.31 0.51
CA LEU A 97 -3.03 -10.34 1.85
C LEU A 97 -2.72 -11.73 2.37
N ALA A 98 -3.44 -12.73 1.87
CA ALA A 98 -3.19 -14.15 2.20
C ALA A 98 -1.81 -14.60 1.72
N LEU A 99 -1.23 -13.84 0.78
CA LEU A 99 0.09 -14.12 0.29
C LEU A 99 1.19 -13.57 1.19
N LEU A 100 0.79 -12.84 2.24
CA LEU A 100 1.74 -12.44 3.29
C LEU A 100 2.04 -13.53 4.30
N SER A 101 1.60 -14.76 4.05
CA SER A 101 2.09 -15.93 4.80
C SER A 101 2.63 -17.01 3.88
N PRO A 102 3.67 -17.72 4.30
CA PRO A 102 4.21 -18.85 3.54
C PRO A 102 3.19 -19.85 3.01
N ALA A 103 2.12 -20.07 3.75
CA ALA A 103 1.07 -21.02 3.37
C ALA A 103 0.14 -20.50 2.27
N GLY A 104 -0.13 -19.20 2.27
CA GLY A 104 -0.83 -18.58 1.16
C GLY A 104 -0.02 -18.68 -0.11
N LEU A 105 1.28 -18.46 -0.02
CA LEU A 105 2.13 -18.56 -1.20
C LEU A 105 2.25 -19.99 -1.72
N THR A 106 2.01 -20.95 -0.83
CA THR A 106 2.13 -22.34 -1.18
C THR A 106 0.90 -22.76 -1.95
N ALA A 107 -0.26 -22.27 -1.54
CA ALA A 107 -1.51 -22.58 -2.24
C ALA A 107 -1.53 -21.94 -3.63
N ARG A 108 -1.00 -20.73 -3.73
CA ARG A 108 -0.86 -20.03 -5.00
C ARG A 108 0.07 -20.81 -5.91
N GLU A 109 1.18 -21.25 -5.34
CA GLU A 109 2.16 -22.02 -6.06
C GLU A 109 1.55 -23.29 -6.60
N LEU A 110 0.79 -23.99 -5.77
CA LEU A 110 0.23 -25.29 -6.15
C LEU A 110 -0.90 -25.12 -7.14
N GLU A 111 -1.61 -24.00 -7.06
CA GLU A 111 -2.65 -23.66 -8.02
C GLU A 111 -2.08 -23.47 -9.44
N ARG A 112 -0.90 -22.84 -9.53
CA ARG A 112 -0.23 -22.61 -10.79
C ARG A 112 0.31 -23.91 -11.38
N ARG A 113 0.69 -24.85 -10.51
CA ARG A 113 1.22 -26.13 -10.97
C ARG A 113 0.14 -27.01 -11.53
N GLU A 114 -1.10 -26.85 -11.04
CA GLU A 114 -2.22 -27.61 -11.55
C GLU A 114 -2.64 -27.06 -12.89
N GLN A 115 -2.62 -25.74 -13.03
CA GLN A 115 -2.97 -25.08 -14.30
C GLN A 115 -1.96 -25.37 -15.38
N SER A 116 -0.70 -25.46 -14.98
CA SER A 116 0.40 -25.86 -15.84
C SER A 116 0.21 -27.28 -16.36
N GLU A 117 -0.24 -28.19 -15.51
CA GLU A 117 -0.49 -29.57 -15.94
C GLU A 117 -1.67 -29.63 -16.89
N ARG A 118 -2.77 -29.04 -16.46
CA ARG A 118 -3.99 -28.96 -17.27
C ARG A 118 -3.78 -28.32 -18.67
N PHE A 119 -3.02 -27.23 -18.74
CA PHE A 119 -2.96 -26.40 -19.94
C PHE A 119 -1.61 -26.40 -20.65
N GLY A 120 -0.54 -26.80 -19.96
CA GLY A 120 0.79 -26.83 -20.54
C GLY A 120 1.43 -25.52 -20.92
N LYS A 121 0.80 -24.42 -20.55
CA LYS A 121 1.32 -23.09 -20.89
C LYS A 121 2.58 -22.88 -20.05
N PRO A 122 3.67 -22.48 -20.68
CA PRO A 122 4.91 -22.23 -19.92
C PRO A 122 4.83 -21.11 -18.91
N SER A 123 3.95 -20.12 -19.09
CA SER A 123 3.82 -19.01 -18.15
C SER A 123 3.34 -19.43 -16.76
N TYR A 124 2.56 -20.51 -16.68
CA TYR A 124 2.10 -21.06 -15.40
C TYR A 124 3.22 -21.56 -14.49
N LEU A 125 4.27 -22.12 -15.09
CA LEU A 125 5.43 -22.59 -14.33
C LEU A 125 6.30 -21.42 -13.89
N GLU A 126 6.43 -20.39 -14.73
CA GLU A 126 7.16 -19.19 -14.34
C GLU A 126 6.45 -18.60 -13.14
N ALA A 127 5.12 -18.61 -13.17
CA ALA A 127 4.35 -18.13 -12.03
C ALA A 127 4.64 -18.94 -10.78
N ALA A 128 4.67 -20.26 -10.92
CA ALA A 128 4.83 -21.16 -9.79
C ALA A 128 6.19 -20.97 -9.14
N GLN A 129 7.22 -20.79 -9.97
CA GLN A 129 8.56 -20.62 -9.43
C GLN A 129 8.62 -19.28 -8.75
N ALA A 130 7.87 -18.32 -9.29
CA ALA A 130 7.80 -16.96 -8.72
C ALA A 130 7.25 -17.00 -7.32
N ALA A 131 6.17 -17.75 -7.11
CA ALA A 131 5.54 -17.90 -5.78
C ALA A 131 6.49 -18.55 -4.77
N ARG A 132 7.19 -19.59 -5.21
CA ARG A 132 8.19 -20.28 -4.40
C ARG A 132 9.32 -19.35 -3.95
N ARG A 133 9.77 -18.50 -4.87
CA ARG A 133 10.85 -17.57 -4.64
C ARG A 133 10.43 -16.53 -3.61
N LEU A 134 9.22 -16.01 -3.76
CA LEU A 134 8.68 -15.01 -2.86
C LEU A 134 8.50 -15.56 -1.44
N ARG A 135 8.12 -16.84 -1.35
CA ARG A 135 7.86 -17.51 -0.09
C ARG A 135 9.16 -17.78 0.67
N GLU A 136 10.21 -18.09 -0.08
CA GLU A 136 11.53 -18.29 0.48
C GLU A 136 12.13 -16.98 0.96
N ARG A 137 11.94 -15.92 0.21
CA ARG A 137 12.34 -14.58 0.68
C ARG A 137 11.51 -14.17 1.90
N LEU A 138 10.20 -14.42 1.87
CA LEU A 138 9.32 -14.06 2.99
C LEU A 138 9.80 -14.73 4.26
N THR A 139 10.08 -16.02 4.14
CA THR A 139 10.52 -16.84 5.25
C THR A 139 11.86 -16.41 5.84
N ALA A 140 12.81 -16.05 4.98
CA ALA A 140 14.13 -15.63 5.41
C ALA A 140 14.12 -14.27 6.05
N GLU A 141 13.10 -13.46 5.76
CA GLU A 141 13.01 -12.10 6.26
C GLU A 141 12.08 -11.99 7.48
N GLY A 142 11.50 -13.09 7.91
CA GLY A 142 10.68 -13.09 9.11
C GLY A 142 9.54 -14.08 9.14
N GLY A 143 9.18 -14.60 7.99
CA GLY A 143 8.05 -15.48 7.87
C GLY A 143 6.79 -14.66 7.77
N ALA A 144 5.66 -15.31 8.10
CA ALA A 144 4.33 -14.70 8.00
C ALA A 144 4.26 -13.29 8.63
N LEU A 145 3.68 -12.36 7.89
CA LEU A 145 3.66 -10.96 8.31
C LEU A 145 2.26 -10.66 8.84
N PRO A 146 2.14 -10.35 10.13
CA PRO A 146 0.83 -10.07 10.71
C PRO A 146 0.04 -8.98 9.97
N CYS A 147 -1.20 -9.29 9.64
CA CYS A 147 -2.05 -8.30 9.01
C CYS A 147 -3.52 -8.39 9.43
N ALA A 148 -4.19 -7.27 9.28
CA ALA A 148 -5.62 -7.20 9.55
C ALA A 148 -6.28 -6.38 8.46
N ILE A 149 -7.44 -6.86 8.02
CA ILE A 149 -8.27 -6.16 7.05
C ILE A 149 -9.68 -5.94 7.62
N ARG A 150 -10.18 -4.72 7.48
CA ARG A 150 -11.51 -4.36 7.93
C ARG A 150 -12.11 -3.28 7.03
N THR A 151 -13.45 -3.21 7.08
CA THR A 151 -14.18 -2.16 6.39
C THR A 151 -14.23 -0.94 7.30
N ALA A 152 -14.14 0.25 6.73
CA ALA A 152 -14.25 1.50 7.49
C ALA A 152 -14.13 2.76 6.64
N ASP A 153 -14.94 3.76 7.00
CA ASP A 153 -14.93 5.05 6.32
C ASP A 153 -13.80 5.93 6.85
N VAL A 154 -13.00 6.42 5.90
CA VAL A 154 -11.83 7.26 6.18
C VAL A 154 -12.21 8.71 6.52
N PHE A 155 -13.40 9.11 6.10
CA PHE A 155 -13.91 10.45 6.45
C PHE A 155 -14.71 10.41 7.75
N ASP A 156 -14.96 9.21 8.25
CA ASP A 156 -15.58 9.04 9.55
C ASP A 156 -14.52 8.64 10.57
N PRO A 157 -13.93 9.62 11.26
CA PRO A 157 -12.86 9.33 12.22
C PRO A 157 -13.29 8.48 13.42
N ARG A 158 -14.60 8.34 13.67
CA ARG A 158 -15.09 7.45 14.73
C ARG A 158 -14.87 5.98 14.38
N ALA A 159 -14.99 5.67 13.10
CA ALA A 159 -14.76 4.33 12.57
C ALA A 159 -13.28 3.94 12.61
N LEU A 160 -12.39 4.92 12.48
CA LEU A 160 -10.94 4.68 12.43
C LEU A 160 -10.40 3.98 13.68
N SER A 161 -10.86 4.38 14.86
CA SER A 161 -10.46 3.73 16.11
C SER A 161 -10.64 2.23 16.00
N ALA A 162 -11.76 1.84 15.40
CA ALA A 162 -12.14 0.43 15.26
C ALA A 162 -11.16 -0.37 14.42
N VAL A 163 -10.75 0.20 13.29
CA VAL A 163 -9.83 -0.45 12.36
C VAL A 163 -8.51 -0.79 13.05
N LEU A 164 -7.92 0.22 13.67
CA LEU A 164 -6.60 0.10 14.28
C LEU A 164 -6.60 -0.96 15.38
N ALA A 165 -7.73 -1.15 16.03
CA ALA A 165 -7.87 -2.20 17.04
C ALA A 165 -6.69 -2.19 18.02
N GLY A 166 -6.37 -1.03 18.56
CA GLY A 166 -5.28 -0.92 19.51
C GLY A 166 -3.96 -0.51 18.89
N SER A 167 -3.68 -0.96 17.67
CA SER A 167 -2.42 -0.60 16.99
C SER A 167 -2.25 0.90 16.78
N ALA A 168 -0.99 1.29 16.59
CA ALA A 168 -0.61 2.67 16.36
C ALA A 168 0.34 2.76 15.18
N PRO A 169 -0.20 2.82 13.96
CA PRO A 169 0.60 2.91 12.73
C PRO A 169 1.66 4.00 12.77
N ASP A 170 2.84 3.73 12.21
CA ASP A 170 3.88 4.73 12.04
C ASP A 170 3.85 5.36 10.65
N VAL A 171 3.52 4.59 9.63
CA VAL A 171 3.43 5.07 8.27
C VAL A 171 2.04 4.78 7.70
N VAL A 172 1.43 5.79 7.08
CA VAL A 172 0.22 5.62 6.31
C VAL A 172 0.57 5.90 4.87
N LEU A 173 0.12 5.02 3.98
CA LEU A 173 0.43 5.11 2.55
C LEU A 173 -0.79 4.69 1.78
N THR A 174 -1.21 5.48 0.81
CA THR A 174 -2.40 5.16 0.06
C THR A 174 -2.49 5.89 -1.28
N ASP A 175 -3.01 5.18 -2.28
CA ASP A 175 -3.30 5.72 -3.58
C ASP A 175 -4.73 6.22 -3.47
N LEU A 176 -4.96 7.50 -3.75
CA LEU A 176 -6.30 8.05 -3.67
C LEU A 176 -7.19 7.37 -4.71
N PRO A 177 -8.41 6.99 -4.31
CA PRO A 177 -9.34 6.28 -5.20
C PRO A 177 -9.93 7.14 -6.32
N TYR A 178 -10.32 6.47 -7.41
CA TYR A 178 -10.73 7.11 -8.65
C TYR A 178 -12.16 7.66 -8.54
N GLY A 179 -12.93 7.08 -7.62
CA GLY A 179 -14.28 7.54 -7.35
C GLY A 179 -14.32 8.87 -6.63
N GLU A 180 -13.24 9.19 -5.91
CA GLU A 180 -13.11 10.48 -5.23
C GLU A 180 -12.62 11.58 -6.17
N ARG A 181 -12.08 11.18 -7.33
CA ARG A 181 -11.60 12.12 -8.34
C ARG A 181 -12.79 12.86 -8.99
N THR A 182 -12.55 14.10 -9.41
CA THR A 182 -13.60 14.99 -9.91
C THR A 182 -14.34 14.38 -11.09
N HIS A 183 -13.56 13.76 -11.97
CA HIS A 183 -14.06 12.87 -13.01
C HIS A 183 -13.10 11.68 -13.04
N TRP A 184 -13.29 10.75 -13.97
CA TRP A 184 -12.35 9.63 -14.12
C TRP A 184 -10.98 10.11 -14.64
N GLU A 185 -11.00 11.20 -15.42
CA GLU A 185 -9.82 11.70 -16.15
C GLU A 185 -9.29 13.00 -15.54
N GLY A 186 -9.05 12.97 -14.22
CA GLY A 186 -8.55 14.14 -13.49
C GLY A 186 -7.83 13.80 -12.20
N GLN A 187 -8.35 14.31 -11.08
CA GLN A 187 -7.72 14.12 -9.77
C GLN A 187 -8.67 14.41 -8.59
N VAL A 188 -8.33 13.89 -7.42
CA VAL A 188 -9.09 14.17 -6.20
C VAL A 188 -8.79 15.61 -5.74
N PRO A 189 -9.82 16.45 -5.67
CA PRO A 189 -9.65 17.86 -5.25
C PRO A 189 -9.28 18.05 -3.77
N ALA A 190 -8.93 19.30 -3.40
CA ALA A 190 -8.30 19.63 -2.10
C ALA A 190 -9.23 19.68 -0.89
N GLN A 191 -10.53 19.90 -1.11
CA GLN A 191 -11.50 19.92 -0.01
C GLN A 191 -11.54 18.53 0.66
N PRO A 192 -11.69 17.45 -0.13
CA PRO A 192 -11.55 16.09 0.40
C PRO A 192 -10.15 15.70 0.87
N VAL A 193 -9.08 16.31 0.34
CA VAL A 193 -7.72 15.92 0.73
C VAL A 193 -7.45 16.34 2.16
N ALA A 194 -7.89 17.55 2.51
CA ALA A 194 -7.63 18.12 3.83
C ALA A 194 -8.58 17.54 4.86
N GLY A 195 -9.78 17.18 4.45
CA GLY A 195 -10.71 16.47 5.33
C GLY A 195 -10.23 15.06 5.60
N LEU A 196 -9.46 14.52 4.65
CA LEU A 196 -8.91 13.18 4.74
C LEU A 196 -7.76 13.13 5.74
N LEU A 197 -6.82 14.05 5.61
CA LEU A 197 -5.68 14.15 6.53
C LEU A 197 -6.17 14.37 7.94
N ARG A 198 -7.02 15.38 8.09
CA ARG A 198 -7.59 15.73 9.40
C ARG A 198 -8.21 14.53 10.10
N SER A 199 -8.93 13.71 9.34
CA SER A 199 -9.56 12.52 9.88
C SER A 199 -8.51 11.48 10.32
N LEU A 200 -7.50 11.25 9.47
CA LEU A 200 -6.46 10.24 9.73
C LEU A 200 -5.63 10.59 10.95
N ALA A 201 -4.99 11.77 10.91
CA ALA A 201 -4.10 12.24 11.97
C ALA A 201 -4.76 12.29 13.35
N SER A 202 -6.08 12.45 13.37
CA SER A 202 -6.84 12.39 14.62
C SER A 202 -6.73 11.01 15.30
N ALA A 203 -6.41 9.99 14.50
CA ALA A 203 -6.30 8.62 14.96
C ALA A 203 -4.84 8.13 15.05
N LEU A 204 -3.91 8.84 14.42
CA LEU A 204 -2.51 8.40 14.36
C LEU A 204 -1.72 8.92 15.55
N PRO A 205 -0.57 8.31 15.81
CA PRO A 205 0.40 8.89 16.75
C PRO A 205 1.05 10.10 16.10
N ALA A 206 1.65 10.97 16.91
CA ALA A 206 2.09 12.29 16.45
C ALA A 206 3.19 12.24 15.41
N HIS A 207 4.09 11.29 15.55
CA HIS A 207 5.24 11.14 14.66
C HIS A 207 4.92 10.51 13.28
N ALA A 208 3.75 9.90 13.12
CA ALA A 208 3.40 9.16 11.91
C ALA A 208 3.55 9.97 10.63
N VAL A 209 4.07 9.33 9.58
CA VAL A 209 4.17 9.98 8.27
C VAL A 209 3.03 9.46 7.39
N ILE A 210 2.40 10.36 6.65
CA ILE A 210 1.30 10.02 5.73
C ILE A 210 1.75 10.28 4.32
N ALA A 211 1.67 9.28 3.45
CA ALA A 211 2.11 9.39 2.07
C ALA A 211 0.91 9.14 1.16
N VAL A 212 0.49 10.15 0.39
CA VAL A 212 -0.63 10.00 -0.54
C VAL A 212 -0.13 10.19 -1.95
N THR A 213 -0.75 9.48 -2.88
CA THR A 213 -0.38 9.52 -4.30
C THR A 213 -1.60 9.81 -5.15
N ASP A 214 -1.40 10.53 -6.25
CA ASP A 214 -2.48 10.85 -7.19
C ASP A 214 -1.93 10.88 -8.61
N ARG A 215 -2.84 10.85 -9.58
CA ARG A 215 -2.47 10.96 -10.98
C ARG A 215 -2.20 12.41 -11.41
N SER A 216 -2.45 13.37 -10.52
CA SER A 216 -2.17 14.78 -10.81
C SER A 216 -0.68 15.12 -10.85
N ARG A 217 -0.38 16.39 -11.10
CA ARG A 217 1.00 16.89 -11.15
C ARG A 217 1.43 17.46 -9.80
N LYS A 218 0.47 17.93 -9.01
CA LYS A 218 0.73 18.43 -7.67
C LYS A 218 -0.52 18.25 -6.79
N ILE A 219 -0.30 17.85 -5.54
CA ILE A 219 -1.40 17.58 -4.60
C ILE A 219 -1.61 18.74 -3.61
N PRO A 220 -2.80 19.35 -3.62
CA PRO A 220 -3.11 20.49 -2.76
C PRO A 220 -3.38 20.11 -1.29
N VAL A 221 -2.35 20.25 -0.45
CA VAL A 221 -2.42 19.92 0.98
C VAL A 221 -2.69 21.12 1.89
N ALA A 222 -2.27 22.31 1.46
CA ALA A 222 -2.42 23.55 2.24
C ALA A 222 -3.80 23.66 2.93
N PRO A 223 -3.89 24.32 4.09
CA PRO A 223 -2.81 25.12 4.69
C PRO A 223 -1.64 24.32 5.27
N VAL A 224 -1.84 23.03 5.49
CA VAL A 224 -0.81 22.12 6.02
C VAL A 224 0.52 22.25 5.24
N LYS A 225 1.62 22.09 5.96
CA LYS A 225 2.95 22.18 5.35
C LYS A 225 3.44 20.80 4.97
N ALA A 226 3.62 20.58 3.67
CA ALA A 226 4.23 19.33 3.21
C ALA A 226 5.65 19.18 3.74
N LEU A 227 6.02 17.95 4.10
CA LEU A 227 7.39 17.57 4.41
C LEU A 227 8.21 17.38 3.15
N GLU A 228 7.55 16.90 2.09
CA GLU A 228 8.25 16.53 0.86
C GLU A 228 7.26 16.30 -0.29
N ARG A 229 7.76 16.45 -1.52
CA ARG A 229 6.99 16.18 -2.74
C ARG A 229 7.81 15.42 -3.76
N LEU A 230 7.10 14.81 -4.71
CA LEU A 230 7.71 14.23 -5.90
C LEU A 230 6.68 14.08 -7.02
N LYS A 231 7.14 14.09 -8.26
CA LYS A 231 6.36 13.62 -9.39
C LYS A 231 7.21 12.60 -10.12
N ILE A 232 6.67 11.43 -10.44
CA ILE A 232 7.38 10.52 -11.33
C ILE A 232 6.44 10.02 -12.42
N GLY A 233 6.61 10.61 -13.61
CA GLY A 233 5.78 10.31 -14.76
C GLY A 233 4.43 10.96 -14.59
N THR A 234 3.41 10.12 -14.53
CA THR A 234 2.02 10.58 -14.38
C THR A 234 1.65 10.83 -12.92
N ARG A 235 2.47 10.33 -12.00
CA ARG A 235 2.15 10.31 -10.57
C ARG A 235 2.85 11.41 -9.76
N SER A 236 2.17 11.84 -8.69
CA SER A 236 2.73 12.78 -7.72
C SER A 236 2.39 12.37 -6.28
N ALA A 237 3.29 12.69 -5.34
CA ALA A 237 3.14 12.29 -3.95
C ALA A 237 3.52 13.41 -2.97
N VAL A 238 2.77 13.50 -1.87
CA VAL A 238 3.07 14.42 -0.80
C VAL A 238 3.10 13.67 0.54
N LEU A 239 4.07 14.02 1.39
CA LEU A 239 4.24 13.38 2.70
C LEU A 239 4.00 14.40 3.77
N VAL A 240 3.15 14.07 4.73
CA VAL A 240 2.86 14.97 5.86
C VAL A 240 2.95 14.25 7.20
N ARG A 241 3.18 15.01 8.26
CA ARG A 241 3.29 14.44 9.58
C ARG A 241 1.99 14.68 10.32
N ALA A 242 1.52 13.66 11.04
CA ALA A 242 0.30 13.74 11.81
C ALA A 242 0.24 14.97 12.73
N ALA A 243 1.36 15.27 13.40
CA ALA A 243 1.45 16.42 14.30
C ALA A 243 1.18 17.76 13.60
N ASP A 244 1.78 17.94 12.43
CA ASP A 244 1.60 19.13 11.59
C ASP A 244 0.16 19.32 11.15
N VAL A 245 -0.50 18.23 10.78
CA VAL A 245 -1.90 18.29 10.35
C VAL A 245 -2.70 18.87 11.50
N LEU A 246 -2.66 18.21 12.66
CA LEU A 246 -3.36 18.65 13.87
C LEU A 246 -3.24 20.15 14.19
N GLU A 247 -2.08 20.75 13.92
CA GLU A 247 -1.88 22.18 14.18
C GLU A 247 -2.89 23.04 13.41
N ALA A 248 -2.89 22.94 12.09
CA ALA A 248 -3.77 23.74 11.22
C ALA A 248 -5.25 23.67 11.62
N GLY A 249 -5.69 22.50 12.08
CA GLY A 249 -6.99 22.36 12.70
C GLY A 249 -8.18 22.41 11.75
N PRO A 250 -9.30 22.99 12.21
CA PRO A 250 -10.55 23.00 11.45
C PRO A 250 -10.55 23.92 10.21
#